data_6CPA
#
_entry.id   6CPA
#
_cell.length_a   61.900
_cell.length_b   67.200
_cell.length_c   76.200
_cell.angle_alpha   90.00
_cell.angle_beta   90.00
_cell.angle_gamma   90.00
#
_symmetry.space_group_name_H-M   'P 21 21 21'
#
loop_
_entity.id
_entity.type
_entity.pdbx_description
1 polymer 'CARBOXYPEPTIDASE A'
2 non-polymer 'ZINC ION'
3 non-polymer 'O-(((1R)-((N-PHENYLMETHOXYCARBONYL-L-ALANYL)AMINO)ETHYL)HYDROXYPHOSPHONO)-L-BENZYLACETIC ACID'
4 water water
#
_entity_poly.entity_id   1
_entity_poly.type   'polypeptide(L)'
_entity_poly.pdbx_seq_one_letter_code
;ARSTNTFNYATYHTLDEIYDFMDLLVAQHPELVSKLQIGRSYEGRPIYVLKFSTGGSNRPAIWIDLGIHSREWITQATGV
WFAKKFTENYGQNPSFTAILDSMDIFLEIVTNPNGFAFTHSENRLWRKTRSVTSSSLCVGVDANRNWDAGFGKAGASSSP
CSETYHGKYANSEVEVKSIVDFVKNHGNFKAFLSIHSYSQLLLYPYGYTTQSIPDKTELNQVAKSAVAALKSLYGTSYKY
GSIITTIYQASGGSIDWSYNQGIKYSFTFELRDTGRYGFLLPASQIIPTAQETWLGVLTIMEHTVNN
;
_entity_poly.pdbx_strand_id   A
#
# COMPACT_ATOMS: atom_id res chain seq x y z
N ALA A 1 -20.46 -0.16 -11.84
CA ALA A 1 -20.25 0.03 -13.27
C ALA A 1 -20.95 1.26 -13.84
N ARG A 2 -21.82 1.87 -13.02
CA ARG A 2 -22.45 3.14 -13.37
C ARG A 2 -23.20 3.59 -12.12
N SER A 3 -22.50 3.35 -10.99
CA SER A 3 -22.89 3.73 -9.65
C SER A 3 -21.93 2.98 -8.73
N THR A 4 -21.26 3.54 -7.75
CA THR A 4 -20.38 2.68 -7.01
C THR A 4 -21.19 1.84 -6.03
N ASN A 5 -22.53 2.06 -5.97
CA ASN A 5 -23.39 1.17 -5.16
C ASN A 5 -23.71 -0.17 -5.83
N THR A 6 -23.49 -0.22 -7.15
CA THR A 6 -23.73 -1.34 -8.03
C THR A 6 -22.45 -2.11 -8.27
N PHE A 7 -21.34 -1.47 -7.91
CA PHE A 7 -20.05 -2.09 -8.13
C PHE A 7 -19.96 -3.40 -7.38
N ASN A 8 -19.34 -4.47 -7.91
CA ASN A 8 -19.25 -5.72 -7.18
C ASN A 8 -17.94 -5.76 -6.43
N TYR A 9 -17.97 -5.55 -5.10
CA TYR A 9 -16.74 -5.47 -4.35
C TYR A 9 -16.23 -6.85 -4.01
N ALA A 10 -17.07 -7.85 -4.23
CA ALA A 10 -16.74 -9.20 -3.84
C ALA A 10 -16.18 -10.02 -5.00
N THR A 11 -15.61 -9.34 -6.00
CA THR A 11 -14.93 -10.02 -7.07
C THR A 11 -13.63 -9.28 -7.45
N TYR A 12 -12.72 -9.97 -8.14
CA TYR A 12 -11.49 -9.34 -8.61
C TYR A 12 -11.63 -8.63 -9.94
N HIS A 13 -11.19 -7.39 -10.06
CA HIS A 13 -11.38 -6.65 -11.30
C HIS A 13 -10.09 -6.41 -12.10
N THR A 14 -10.25 -5.87 -13.32
CA THR A 14 -9.14 -5.53 -14.19
C THR A 14 -8.71 -4.09 -13.93
N LEU A 15 -7.58 -3.63 -14.47
CA LEU A 15 -7.21 -2.22 -14.34
C LEU A 15 -8.26 -1.27 -14.88
N ASP A 16 -8.81 -1.44 -16.08
CA ASP A 16 -9.90 -0.56 -16.55
C ASP A 16 -11.12 -0.38 -15.65
N GLU A 17 -11.58 -1.49 -15.09
CA GLU A 17 -12.66 -1.46 -14.13
C GLU A 17 -12.31 -0.70 -12.87
N ILE A 18 -11.11 -0.89 -12.32
CA ILE A 18 -10.69 -0.07 -11.20
C ILE A 18 -10.54 1.42 -11.52
N TYR A 19 -9.96 1.82 -12.69
CA TYR A 19 -9.86 3.26 -12.94
C TYR A 19 -11.23 3.80 -13.23
N ASP A 20 -12.16 3.06 -13.87
CA ASP A 20 -13.53 3.55 -13.95
C ASP A 20 -14.20 3.69 -12.59
N PHE A 21 -14.03 2.78 -11.65
CA PHE A 21 -14.59 3.00 -10.34
C PHE A 21 -14.10 4.31 -9.70
N MET A 22 -12.80 4.63 -9.84
CA MET A 22 -12.25 5.89 -9.36
C MET A 22 -13.00 7.09 -9.95
N ASP A 23 -13.25 7.11 -11.27
CA ASP A 23 -14.09 8.14 -11.85
C ASP A 23 -15.52 8.15 -11.31
N LEU A 24 -16.19 7.02 -11.11
CA LEU A 24 -17.52 7.04 -10.50
C LEU A 24 -17.54 7.58 -9.08
N LEU A 25 -16.58 7.15 -8.25
CA LEU A 25 -16.52 7.64 -6.88
C LEU A 25 -16.32 9.16 -6.79
N VAL A 26 -15.42 9.75 -7.57
CA VAL A 26 -15.21 11.18 -7.61
C VAL A 26 -16.47 11.92 -8.06
N ALA A 27 -17.10 11.47 -9.15
CA ALA A 27 -18.35 12.08 -9.57
C ALA A 27 -19.42 12.01 -8.50
N GLN A 28 -19.44 10.95 -7.66
CA GLN A 28 -20.45 10.85 -6.62
C GLN A 28 -20.16 11.68 -5.37
N HIS A 29 -18.87 11.89 -5.10
CA HIS A 29 -18.47 12.66 -3.95
C HIS A 29 -17.42 13.72 -4.25
N PRO A 30 -17.66 14.72 -5.09
CA PRO A 30 -16.67 15.67 -5.55
C PRO A 30 -16.17 16.59 -4.43
N GLU A 31 -16.87 16.71 -3.32
CA GLU A 31 -16.41 17.58 -2.25
C GLU A 31 -15.47 16.83 -1.31
N LEU A 32 -15.47 15.49 -1.34
CA LEU A 32 -14.61 14.70 -0.49
C LEU A 32 -13.44 14.08 -1.23
N VAL A 33 -13.61 13.64 -2.48
CA VAL A 33 -12.49 12.99 -3.10
C VAL A 33 -12.15 13.52 -4.47
N SER A 34 -10.86 13.54 -4.78
CA SER A 34 -10.46 13.97 -6.11
C SER A 34 -9.45 13.00 -6.68
N LYS A 35 -9.21 12.96 -7.98
CA LYS A 35 -8.27 11.99 -8.49
C LYS A 35 -7.05 12.73 -9.03
N LEU A 36 -5.89 12.36 -8.53
CA LEU A 36 -4.67 13.04 -8.96
C LEU A 36 -3.81 12.13 -9.80
N GLN A 37 -3.19 12.64 -10.85
CA GLN A 37 -2.25 11.83 -11.58
C GLN A 37 -0.84 12.22 -11.15
N ILE A 38 -0.05 11.29 -10.61
CA ILE A 38 1.23 11.64 -10.03
C ILE A 38 2.36 11.13 -10.93
N GLY A 39 1.99 10.52 -12.06
CA GLY A 39 2.98 10.02 -13.02
C GLY A 39 2.44 9.10 -14.09
N ARG A 40 3.34 8.47 -14.83
CA ARG A 40 2.99 7.39 -15.75
C ARG A 40 3.93 6.25 -15.54
N SER A 41 3.38 5.04 -15.62
CA SER A 41 4.17 3.84 -15.52
C SER A 41 5.20 3.67 -16.65
N TYR A 42 6.03 2.62 -16.58
CA TYR A 42 7.07 2.43 -17.58
C TYR A 42 6.47 2.35 -18.98
N GLU A 43 5.39 1.56 -19.12
CA GLU A 43 4.74 1.43 -20.42
C GLU A 43 3.76 2.51 -20.81
N GLY A 44 3.48 3.48 -19.95
CA GLY A 44 2.75 4.62 -20.40
C GLY A 44 1.39 4.79 -19.74
N ARG A 45 1.01 3.94 -18.77
CA ARG A 45 -0.27 4.06 -18.07
C ARG A 45 -0.23 5.18 -17.06
N PRO A 46 -1.27 5.97 -16.90
CA PRO A 46 -1.39 6.91 -15.82
C PRO A 46 -1.32 6.21 -14.48
N ILE A 47 -0.69 6.86 -13.51
CA ILE A 47 -0.63 6.34 -12.15
C ILE A 47 -1.54 7.28 -11.36
N TYR A 48 -2.61 6.75 -10.72
CA TYR A 48 -3.57 7.60 -10.06
C TYR A 48 -3.60 7.46 -8.57
N VAL A 49 -3.74 8.61 -7.90
CA VAL A 49 -3.86 8.58 -6.47
C VAL A 49 -5.17 9.26 -6.08
N LEU A 50 -5.92 8.70 -5.14
CA LEU A 50 -7.10 9.42 -4.72
C LEU A 50 -6.83 10.18 -3.44
N LYS A 51 -7.25 11.44 -3.42
CA LYS A 51 -7.05 12.27 -2.27
C LYS A 51 -8.40 12.39 -1.61
N PHE A 52 -8.51 12.12 -0.31
CA PHE A 52 -9.76 12.36 0.40
C PHE A 52 -9.53 13.51 1.33
N SER A 53 -10.34 14.55 1.22
CA SER A 53 -10.00 15.77 1.93
C SER A 53 -11.24 16.57 2.27
N THR A 54 -11.25 17.05 3.49
CA THR A 54 -12.30 17.91 4.01
C THR A 54 -11.98 19.42 3.89
N GLY A 55 -10.82 19.81 3.36
CA GLY A 55 -10.46 21.22 3.23
C GLY A 55 -9.02 21.54 3.68
N GLY A 56 -8.78 22.77 4.16
CA GLY A 56 -7.50 23.12 4.81
C GLY A 56 -6.33 23.42 3.87
N SER A 57 -5.16 23.79 4.45
CA SER A 57 -3.99 24.20 3.66
C SER A 57 -3.08 23.05 3.31
N ASN A 58 -2.19 22.78 4.23
CA ASN A 58 -1.29 21.67 4.03
C ASN A 58 -1.52 20.75 5.20
N ARG A 59 -2.71 20.13 5.22
CA ARG A 59 -3.11 19.22 6.28
C ARG A 59 -2.07 18.13 6.45
N PRO A 60 -1.74 17.71 7.66
CA PRO A 60 -1.04 16.47 7.87
C PRO A 60 -1.70 15.34 7.11
N ALA A 61 -0.92 14.46 6.49
CA ALA A 61 -1.51 13.44 5.65
C ALA A 61 -1.05 11.99 5.95
N ILE A 62 -1.86 11.04 5.43
CA ILE A 62 -1.66 9.60 5.55
C ILE A 62 -1.51 9.14 4.13
N TRP A 63 -0.43 8.44 3.85
CA TRP A 63 -0.23 7.79 2.56
C TRP A 63 -0.61 6.30 2.70
N ILE A 64 -1.39 5.76 1.77
CA ILE A 64 -1.64 4.32 1.77
C ILE A 64 -1.47 3.83 0.34
N ASP A 65 -0.58 2.87 0.11
CA ASP A 65 -0.50 2.31 -1.24
C ASP A 65 -0.70 0.82 -1.19
N LEU A 66 -1.22 0.27 -2.30
CA LEU A 66 -1.62 -1.13 -2.45
C LEU A 66 -1.12 -1.60 -3.81
N GLY A 67 -0.83 -2.90 -3.97
CA GLY A 67 -0.50 -3.40 -5.29
C GLY A 67 0.92 -3.07 -5.79
N ILE A 68 1.90 -2.83 -4.93
CA ILE A 68 3.18 -2.45 -5.51
C ILE A 68 3.74 -3.71 -6.11
N HIS A 69 3.28 -4.84 -5.56
CA HIS A 69 3.62 -6.18 -6.05
C HIS A 69 2.38 -6.72 -6.79
N SER A 70 2.40 -6.89 -8.11
CA SER A 70 1.13 -7.06 -8.82
C SER A 70 0.37 -8.37 -8.58
N ARG A 71 1.01 -9.49 -8.27
CA ARG A 71 0.26 -10.74 -8.02
C ARG A 71 -0.51 -10.72 -6.72
N GLU A 72 -0.32 -9.72 -5.84
CA GLU A 72 -0.99 -9.72 -4.54
C GLU A 72 -2.40 -9.17 -4.67
N TRP A 73 -3.29 -9.84 -5.42
CA TRP A 73 -4.60 -9.28 -5.76
C TRP A 73 -5.58 -8.89 -4.65
N ILE A 74 -5.53 -9.51 -3.45
CA ILE A 74 -6.30 -9.04 -2.30
C ILE A 74 -5.97 -7.58 -1.99
N THR A 75 -4.78 -7.03 -2.33
CA THR A 75 -4.52 -5.66 -1.94
C THR A 75 -5.19 -4.67 -2.88
N GLN A 76 -5.23 -4.81 -4.22
CA GLN A 76 -5.94 -3.81 -4.98
C GLN A 76 -7.42 -3.96 -4.69
N ALA A 77 -7.92 -5.18 -4.49
CA ALA A 77 -9.33 -5.35 -4.12
C ALA A 77 -9.65 -4.69 -2.76
N THR A 78 -8.77 -4.82 -1.75
CA THR A 78 -9.00 -4.16 -0.48
C THR A 78 -8.97 -2.63 -0.68
N GLY A 79 -8.13 -2.08 -1.56
CA GLY A 79 -8.10 -0.64 -1.72
C GLY A 79 -9.35 -0.05 -2.35
N VAL A 80 -9.94 -0.71 -3.35
CA VAL A 80 -11.26 -0.33 -3.87
C VAL A 80 -12.30 -0.32 -2.75
N TRP A 81 -12.29 -1.32 -1.87
CA TRP A 81 -13.25 -1.33 -0.78
C TRP A 81 -12.96 -0.21 0.24
N PHE A 82 -11.68 0.03 0.57
CA PHE A 82 -11.33 1.21 1.36
C PHE A 82 -11.87 2.53 0.82
N ALA A 83 -11.71 2.80 -0.47
CA ALA A 83 -12.09 4.07 -1.06
C ALA A 83 -13.58 4.33 -0.90
N LYS A 84 -14.33 3.26 -1.15
CA LYS A 84 -15.77 3.29 -1.00
C LYS A 84 -16.07 3.47 0.48
N LYS A 85 -15.41 2.68 1.33
CA LYS A 85 -15.65 2.81 2.75
C LYS A 85 -15.40 4.21 3.31
N PHE A 86 -14.44 4.98 2.79
CA PHE A 86 -14.18 6.28 3.37
C PHE A 86 -15.33 7.21 3.00
N THR A 87 -15.95 7.13 1.82
CA THR A 87 -17.09 7.99 1.55
C THR A 87 -18.35 7.50 2.27
N GLU A 88 -18.43 6.24 2.73
CA GLU A 88 -19.58 5.79 3.53
C GLU A 88 -19.50 6.19 5.02
N ASN A 89 -18.31 6.09 5.62
CA ASN A 89 -18.16 6.37 7.05
C ASN A 89 -17.93 7.80 7.46
N TYR A 90 -17.58 8.64 6.50
CA TYR A 90 -17.26 10.00 6.84
C TYR A 90 -18.60 10.67 7.16
N GLY A 91 -18.72 11.19 8.37
CA GLY A 91 -19.99 11.75 8.77
C GLY A 91 -20.85 10.75 9.54
N GLN A 92 -20.44 9.50 9.67
CA GLN A 92 -21.22 8.51 10.36
C GLN A 92 -20.36 7.98 11.48
N ASN A 93 -19.12 7.59 11.22
CA ASN A 93 -18.26 7.16 12.30
C ASN A 93 -17.64 8.39 12.95
N PRO A 94 -17.71 8.53 14.27
CA PRO A 94 -17.09 9.64 14.99
C PRO A 94 -15.57 9.70 14.76
N SER A 95 -14.94 8.53 14.96
CA SER A 95 -13.50 8.36 14.78
C SER A 95 -13.02 8.70 13.39
N PHE A 96 -13.50 7.98 12.37
CA PHE A 96 -13.09 8.33 11.02
C PHE A 96 -13.38 9.80 10.69
N THR A 97 -14.59 10.33 10.98
CA THR A 97 -14.88 11.74 10.73
C THR A 97 -13.89 12.72 11.36
N ALA A 98 -13.42 12.41 12.57
CA ALA A 98 -12.43 13.23 13.25
C ALA A 98 -11.02 13.16 12.65
N ILE A 99 -10.65 12.02 12.08
CA ILE A 99 -9.42 12.00 11.33
C ILE A 99 -9.52 12.87 10.09
N LEU A 100 -10.50 12.66 9.22
CA LEU A 100 -10.63 13.47 8.03
C LEU A 100 -10.99 14.92 8.22
N ASP A 101 -11.49 15.31 9.39
CA ASP A 101 -11.66 16.73 9.63
C ASP A 101 -10.31 17.45 9.88
N SER A 102 -9.22 16.76 10.26
CA SER A 102 -7.93 17.39 10.51
C SER A 102 -6.84 16.87 9.55
N MET A 103 -7.07 15.75 8.85
CA MET A 103 -6.02 15.22 8.00
C MET A 103 -6.57 14.82 6.65
N ASP A 104 -5.67 14.75 5.66
CA ASP A 104 -6.03 14.21 4.37
C ASP A 104 -5.51 12.80 4.20
N ILE A 105 -6.14 12.03 3.32
CA ILE A 105 -5.73 10.66 3.08
C ILE A 105 -5.46 10.52 1.59
N PHE A 106 -4.26 10.04 1.26
CA PHE A 106 -3.91 9.68 -0.10
C PHE A 106 -3.89 8.17 -0.26
N LEU A 107 -4.61 7.73 -1.29
CA LEU A 107 -4.81 6.33 -1.52
C LEU A 107 -4.42 5.97 -2.93
N GLU A 108 -3.42 5.10 -3.06
CA GLU A 108 -2.98 4.62 -4.36
C GLU A 108 -3.32 3.13 -4.46
N ILE A 109 -4.42 2.80 -5.17
CA ILE A 109 -4.91 1.41 -5.32
C ILE A 109 -4.06 0.50 -6.18
N VAL A 110 -3.52 0.95 -7.31
CA VAL A 110 -2.71 0.10 -8.18
C VAL A 110 -1.33 0.80 -8.28
N THR A 111 -0.32 0.50 -7.45
CA THR A 111 0.96 1.21 -7.48
C THR A 111 1.80 0.73 -8.67
N ASN A 112 1.53 -0.45 -9.19
CA ASN A 112 2.35 -0.95 -10.28
C ASN A 112 1.37 -1.31 -11.38
N PRO A 113 0.82 -0.37 -12.17
CA PRO A 113 -0.20 -0.72 -13.14
C PRO A 113 0.30 -1.65 -14.23
N ASN A 114 1.55 -1.62 -14.72
CA ASN A 114 1.93 -2.45 -15.85
C ASN A 114 2.01 -3.89 -15.39
N GLY A 115 2.47 -4.08 -14.16
CA GLY A 115 2.58 -5.42 -13.65
C GLY A 115 1.20 -6.02 -13.46
N PHE A 116 0.24 -5.23 -12.99
CA PHE A 116 -1.11 -5.71 -12.74
C PHE A 116 -1.79 -6.13 -14.05
N ALA A 117 -1.66 -5.33 -15.11
CA ALA A 117 -2.08 -5.81 -16.43
C ALA A 117 -1.51 -7.15 -16.82
N PHE A 118 -0.21 -7.34 -16.62
CA PHE A 118 0.46 -8.55 -16.98
C PHE A 118 -0.11 -9.72 -16.21
N THR A 119 -0.55 -9.54 -14.96
CA THR A 119 -1.06 -10.66 -14.19
C THR A 119 -2.41 -11.04 -14.75
N HIS A 120 -3.08 -10.15 -15.46
CA HIS A 120 -4.30 -10.52 -16.14
C HIS A 120 -4.03 -11.12 -17.49
N SER A 121 -3.06 -10.60 -18.27
CA SER A 121 -2.92 -11.00 -19.66
C SER A 121 -2.02 -12.22 -19.87
N GLU A 122 -1.11 -12.50 -18.94
CA GLU A 122 -0.09 -13.47 -19.21
C GLU A 122 0.44 -14.22 -18.01
N ASN A 123 0.67 -13.65 -16.85
CA ASN A 123 1.29 -14.40 -15.78
C ASN A 123 0.77 -13.90 -14.45
N ARG A 124 -0.12 -14.73 -13.87
CA ARG A 124 -0.86 -14.40 -12.65
C ARG A 124 0.04 -14.12 -11.44
N LEU A 125 1.25 -14.63 -11.50
CA LEU A 125 2.14 -14.54 -10.36
C LEU A 125 3.30 -13.59 -10.64
N TRP A 126 3.13 -12.67 -11.57
CA TRP A 126 4.11 -11.64 -11.82
C TRP A 126 4.16 -10.66 -10.63
N ARG A 127 5.37 -10.38 -10.15
CA ARG A 127 5.62 -9.53 -8.98
C ARG A 127 6.19 -8.15 -9.33
N LYS A 128 7.06 -8.05 -10.34
CA LYS A 128 7.88 -6.87 -10.57
C LYS A 128 7.17 -5.85 -11.44
N THR A 129 7.90 -4.77 -11.71
CA THR A 129 7.49 -3.80 -12.68
C THR A 129 7.68 -4.41 -14.06
N ARG A 130 7.52 -3.60 -15.09
CA ARG A 130 7.65 -4.13 -16.41
C ARG A 130 8.81 -3.49 -17.16
N SER A 131 9.78 -2.79 -16.57
CA SER A 131 10.81 -2.20 -17.39
C SER A 131 11.77 -3.21 -17.95
N VAL A 132 12.20 -2.79 -19.13
CA VAL A 132 13.14 -3.54 -19.93
C VAL A 132 14.41 -2.71 -19.99
N THR A 133 15.55 -3.33 -19.92
CA THR A 133 16.65 -2.53 -20.35
C THR A 133 17.66 -3.48 -20.95
N SER A 134 18.61 -2.86 -21.61
CA SER A 134 20.00 -3.27 -21.46
C SER A 134 20.43 -4.72 -21.61
N SER A 135 20.76 -4.99 -20.37
CA SER A 135 21.67 -6.04 -20.02
C SER A 135 21.04 -7.41 -19.89
N SER A 136 19.71 -7.57 -20.05
CA SER A 136 19.12 -8.87 -19.77
C SER A 136 17.84 -9.02 -20.56
N LEU A 137 17.51 -10.25 -20.94
CA LEU A 137 16.20 -10.48 -21.51
C LEU A 137 15.25 -10.79 -20.39
N CYS A 138 15.51 -10.37 -19.17
CA CYS A 138 14.54 -10.64 -18.13
C CYS A 138 13.96 -9.29 -17.81
N VAL A 139 12.64 -9.22 -17.73
CA VAL A 139 11.93 -7.97 -17.49
C VAL A 139 11.78 -7.64 -16.02
N GLY A 140 11.73 -6.37 -15.64
CA GLY A 140 11.16 -6.06 -14.34
C GLY A 140 12.13 -5.89 -13.18
N VAL A 141 11.77 -4.93 -12.32
CA VAL A 141 12.47 -4.72 -11.07
C VAL A 141 11.48 -4.95 -9.96
N ASP A 142 11.92 -5.56 -8.85
CA ASP A 142 11.12 -5.61 -7.64
C ASP A 142 10.94 -4.20 -7.09
N ALA A 143 9.77 -3.57 -7.24
CA ALA A 143 9.70 -2.18 -6.80
C ALA A 143 9.77 -2.07 -5.30
N ASN A 144 9.64 -3.11 -4.49
CA ASN A 144 9.86 -2.91 -3.06
C ASN A 144 11.30 -3.25 -2.70
N ARG A 145 12.24 -3.11 -3.64
CA ARG A 145 13.67 -3.23 -3.32
C ARG A 145 14.42 -2.06 -3.97
N ASN A 146 13.65 -1.10 -4.48
CA ASN A 146 14.19 -0.02 -5.28
C ASN A 146 14.28 1.30 -4.54
N TRP A 147 13.94 1.36 -3.26
CA TRP A 147 13.87 2.61 -2.51
C TRP A 147 15.23 2.86 -1.86
N ASP A 148 15.49 4.12 -1.54
CA ASP A 148 16.81 4.50 -1.05
C ASP A 148 16.87 4.37 0.47
N ALA A 149 16.80 3.13 0.96
CA ALA A 149 17.10 2.80 2.33
C ALA A 149 17.82 1.46 2.31
N GLY A 150 19.11 1.47 2.63
CA GLY A 150 19.94 0.28 2.51
C GLY A 150 20.01 -0.27 1.10
N PHE A 151 19.78 0.55 0.05
CA PHE A 151 19.74 0.06 -1.34
C PHE A 151 20.94 -0.75 -1.77
N GLY A 152 20.69 -1.92 -2.33
CA GLY A 152 21.79 -2.69 -2.87
C GLY A 152 22.41 -3.65 -1.87
N LYS A 153 22.08 -3.51 -0.60
CA LYS A 153 22.54 -4.41 0.44
C LYS A 153 21.85 -5.78 0.43
N ALA A 154 22.37 -6.66 1.29
CA ALA A 154 21.80 -7.97 1.42
C ALA A 154 20.30 -7.86 1.69
N GLY A 155 19.53 -8.74 1.06
CA GLY A 155 18.10 -8.64 1.21
C GLY A 155 17.49 -8.18 -0.08
N ALA A 156 18.25 -8.20 -1.17
CA ALA A 156 17.73 -7.91 -2.50
C ALA A 156 18.69 -8.63 -3.42
N SER A 157 18.26 -9.01 -4.63
CA SER A 157 19.15 -9.64 -5.59
C SER A 157 19.69 -8.71 -6.66
N SER A 158 20.88 -9.02 -7.20
CA SER A 158 21.46 -8.24 -8.29
C SER A 158 21.30 -8.89 -9.65
N SER A 159 20.81 -10.13 -9.79
CA SER A 159 20.47 -10.55 -11.13
C SER A 159 19.07 -10.13 -11.56
N PRO A 160 19.01 -9.61 -12.79
CA PRO A 160 17.81 -9.04 -13.35
C PRO A 160 16.68 -10.04 -13.39
N CYS A 161 17.02 -11.31 -13.38
CA CYS A 161 15.97 -12.33 -13.55
C CYS A 161 15.34 -12.71 -12.21
N SER A 162 15.93 -12.21 -11.12
CA SER A 162 15.41 -12.52 -9.82
C SER A 162 14.14 -11.75 -9.53
N GLU A 163 13.26 -12.36 -8.73
CA GLU A 163 12.00 -11.76 -8.37
C GLU A 163 12.14 -10.58 -7.41
N THR A 164 13.36 -10.50 -6.84
CA THR A 164 13.75 -9.62 -5.76
C THR A 164 14.80 -8.64 -6.32
N TYR A 165 14.90 -8.55 -7.64
CA TYR A 165 15.95 -7.76 -8.26
C TYR A 165 15.79 -6.29 -7.89
N HIS A 166 16.86 -5.59 -7.47
CA HIS A 166 16.71 -4.24 -6.96
C HIS A 166 16.76 -3.11 -7.99
N GLY A 167 17.21 -3.39 -9.20
CA GLY A 167 17.34 -2.31 -10.15
C GLY A 167 18.77 -1.78 -10.22
N LYS A 168 19.05 -0.96 -11.21
CA LYS A 168 20.41 -0.49 -11.45
C LYS A 168 20.84 0.50 -10.40
N TYR A 169 19.86 1.23 -9.86
CA TYR A 169 20.14 2.23 -8.85
C TYR A 169 18.82 2.60 -8.19
N ALA A 170 18.83 3.22 -7.01
CA ALA A 170 17.59 3.52 -6.32
C ALA A 170 16.63 4.43 -7.07
N ASN A 171 15.31 4.21 -7.04
CA ASN A 171 14.32 5.07 -7.69
C ASN A 171 14.45 5.03 -9.18
N SER A 172 15.09 3.98 -9.69
CA SER A 172 15.17 3.79 -11.14
C SER A 172 13.80 3.53 -11.75
N GLU A 173 12.91 2.95 -10.97
CA GLU A 173 11.55 2.66 -11.46
C GLU A 173 10.67 3.87 -11.36
N VAL A 174 10.03 4.29 -12.46
CA VAL A 174 9.27 5.53 -12.37
C VAL A 174 8.07 5.36 -11.42
N GLU A 175 7.56 4.15 -11.26
CA GLU A 175 6.49 3.92 -10.32
C GLU A 175 6.91 4.25 -8.88
N VAL A 176 8.14 3.94 -8.49
CA VAL A 176 8.70 4.36 -7.21
C VAL A 176 9.02 5.86 -7.17
N LYS A 177 9.76 6.35 -8.16
CA LYS A 177 10.15 7.75 -8.13
C LYS A 177 8.97 8.71 -8.08
N SER A 178 7.84 8.38 -8.75
CA SER A 178 6.61 9.15 -8.68
C SER A 178 6.06 9.34 -7.28
N ILE A 179 6.10 8.31 -6.46
CA ILE A 179 5.71 8.43 -5.07
C ILE A 179 6.73 9.24 -4.25
N VAL A 180 8.04 8.98 -4.45
CA VAL A 180 9.09 9.70 -3.75
C VAL A 180 8.96 11.19 -3.99
N ASP A 181 8.81 11.61 -5.25
CA ASP A 181 8.60 13.01 -5.59
C ASP A 181 7.36 13.63 -5.00
N PHE A 182 6.27 12.89 -5.12
CA PHE A 182 5.04 13.37 -4.58
C PHE A 182 5.09 13.54 -3.06
N VAL A 183 5.62 12.57 -2.32
CA VAL A 183 5.68 12.69 -0.85
C VAL A 183 6.58 13.82 -0.35
N LYS A 184 7.67 14.00 -1.08
CA LYS A 184 8.60 15.08 -0.77
C LYS A 184 8.11 16.46 -1.09
N ASN A 185 7.52 16.61 -2.26
CA ASN A 185 6.92 17.85 -2.62
C ASN A 185 5.76 18.17 -1.68
N HIS A 186 4.97 17.23 -1.17
CA HIS A 186 3.94 17.56 -0.22
C HIS A 186 4.53 18.10 1.07
N GLY A 187 5.47 17.33 1.54
CA GLY A 187 6.22 17.65 2.73
C GLY A 187 5.50 17.55 4.05
N ASN A 188 4.26 17.09 4.12
CA ASN A 188 3.60 16.98 5.44
C ASN A 188 2.85 15.66 5.67
N PHE A 189 3.42 14.52 5.24
CA PHE A 189 2.92 13.19 5.61
C PHE A 189 3.31 12.72 7.02
N LYS A 190 2.40 12.14 7.82
CA LYS A 190 2.70 11.72 9.18
C LYS A 190 2.71 10.21 9.27
N ALA A 191 2.09 9.56 8.30
CA ALA A 191 2.06 8.12 8.33
C ALA A 191 2.20 7.61 6.89
N PHE A 192 2.82 6.42 6.70
CA PHE A 192 3.08 5.83 5.40
C PHE A 192 2.77 4.33 5.56
N LEU A 193 1.68 3.85 4.92
CA LEU A 193 1.29 2.42 5.02
C LEU A 193 1.35 1.80 3.64
N SER A 194 2.03 0.66 3.56
CA SER A 194 2.14 -0.01 2.29
C SER A 194 1.64 -1.43 2.50
N ILE A 195 0.63 -1.76 1.71
CA ILE A 195 -0.05 -3.02 1.89
C ILE A 195 0.30 -4.07 0.86
N HIS A 196 0.70 -5.17 1.46
CA HIS A 196 1.04 -6.37 0.71
C HIS A 196 0.17 -7.57 1.10
N SER A 197 0.33 -8.73 0.46
CA SER A 197 -0.26 -9.96 0.99
C SER A 197 0.79 -11.08 0.86
N TYR A 198 0.98 -12.22 1.53
CA TYR A 198 0.14 -12.81 2.56
C TYR A 198 1.16 -13.10 3.66
N SER A 199 0.69 -13.39 4.84
CA SER A 199 1.45 -13.95 5.92
C SER A 199 0.71 -13.44 7.12
N GLN A 200 -0.23 -12.51 6.98
CA GLN A 200 -0.94 -11.98 8.14
C GLN A 200 0.02 -11.43 9.16
N LEU A 201 0.74 -10.39 8.78
CA LEU A 201 1.78 -9.76 9.61
C LEU A 201 1.59 -8.27 9.66
N LEU A 202 1.88 -7.61 10.77
CA LEU A 202 1.96 -6.16 10.74
C LEU A 202 3.43 -5.81 11.01
N LEU A 203 4.11 -5.22 10.05
CA LEU A 203 5.56 -5.01 10.12
C LEU A 203 5.95 -3.53 10.27
N TYR A 204 6.97 -3.19 11.07
CA TYR A 204 7.50 -1.82 11.02
C TYR A 204 9.00 -1.82 10.69
N PRO A 205 9.70 -0.69 10.53
CA PRO A 205 11.09 -0.62 10.11
C PRO A 205 12.10 -1.41 11.03
N TYR A 206 13.31 -1.90 10.75
CA TYR A 206 14.01 -1.98 9.45
C TYR A 206 13.94 -3.37 8.80
N GLY A 207 14.09 -3.45 7.48
CA GLY A 207 14.37 -4.74 6.87
C GLY A 207 15.84 -4.93 6.56
N TYR A 208 16.58 -3.84 6.35
CA TYR A 208 17.93 -3.95 5.83
C TYR A 208 18.97 -4.04 6.96
N THR A 209 18.57 -3.78 8.20
CA THR A 209 19.51 -3.89 9.30
C THR A 209 18.82 -4.47 10.56
N THR A 210 19.57 -5.11 11.46
CA THR A 210 18.99 -5.64 12.69
C THR A 210 18.89 -4.59 13.76
N GLN A 211 19.45 -3.41 13.51
CA GLN A 211 19.39 -2.32 14.48
C GLN A 211 17.94 -1.83 14.68
N SER A 212 17.51 -1.73 15.94
CA SER A 212 16.17 -1.25 16.23
C SER A 212 15.98 0.22 15.92
N ILE A 213 14.82 0.60 15.39
CA ILE A 213 14.55 2.01 15.19
C ILE A 213 14.47 2.71 16.52
N PRO A 214 14.79 4.01 16.62
CA PRO A 214 14.66 4.77 17.85
C PRO A 214 13.25 4.79 18.44
N ASP A 215 12.24 4.66 17.57
CA ASP A 215 10.83 4.66 17.93
C ASP A 215 10.23 3.28 18.14
N LYS A 216 11.05 2.28 18.40
CA LYS A 216 10.59 0.93 18.39
C LYS A 216 9.57 0.62 19.47
N THR A 217 9.66 1.21 20.66
CA THR A 217 8.64 1.04 21.68
C THR A 217 7.26 1.54 21.31
N GLU A 218 7.17 2.75 20.81
CA GLU A 218 5.90 3.28 20.41
C GLU A 218 5.34 2.55 19.19
N LEU A 219 6.11 2.25 18.13
CA LEU A 219 5.52 1.53 17.03
C LEU A 219 5.18 0.12 17.42
N ASN A 220 5.94 -0.57 18.25
CA ASN A 220 5.53 -1.89 18.67
C ASN A 220 4.20 -1.91 19.42
N GLN A 221 3.96 -0.85 20.17
CA GLN A 221 2.69 -0.76 20.88
C GLN A 221 1.50 -0.46 19.95
N VAL A 222 1.67 0.44 18.98
CA VAL A 222 0.63 0.72 18.01
C VAL A 222 0.30 -0.53 17.23
N ALA A 223 1.33 -1.29 16.84
CA ALA A 223 1.14 -2.57 16.19
C ALA A 223 0.42 -3.54 17.12
N LYS A 224 0.72 -3.61 18.43
CA LYS A 224 -0.01 -4.48 19.34
C LYS A 224 -1.49 -4.13 19.31
N SER A 225 -1.80 -2.84 19.52
CA SER A 225 -3.16 -2.32 19.40
C SER A 225 -3.85 -2.53 18.07
N ALA A 226 -3.22 -2.26 16.91
CA ALA A 226 -3.90 -2.48 15.62
C ALA A 226 -4.26 -3.95 15.35
N VAL A 227 -3.38 -4.85 15.76
CA VAL A 227 -3.51 -6.29 15.59
C VAL A 227 -4.63 -6.86 16.45
N ALA A 228 -4.83 -6.29 17.63
CA ALA A 228 -5.99 -6.65 18.40
C ALA A 228 -7.34 -6.09 17.91
N ALA A 229 -7.41 -4.87 17.39
CA ALA A 229 -8.61 -4.41 16.75
C ALA A 229 -8.98 -5.27 15.55
N LEU A 230 -7.98 -5.64 14.74
CA LEU A 230 -8.23 -6.47 13.58
C LEU A 230 -8.80 -7.83 13.98
N LYS A 231 -8.20 -8.46 14.98
CA LYS A 231 -8.62 -9.79 15.40
C LYS A 231 -10.04 -9.78 15.95
N SER A 232 -10.54 -8.63 16.37
CA SER A 232 -11.83 -8.54 17.02
C SER A 232 -13.00 -8.97 16.15
N LEU A 233 -12.88 -8.81 14.82
CA LEU A 233 -14.01 -9.02 13.96
C LEU A 233 -14.33 -10.51 13.71
N TYR A 234 -13.33 -11.23 13.18
CA TYR A 234 -13.41 -12.63 12.79
C TYR A 234 -12.39 -13.55 13.47
N GLY A 235 -11.60 -13.10 14.47
CA GLY A 235 -10.62 -14.01 15.07
C GLY A 235 -9.29 -14.15 14.33
N THR A 236 -9.09 -13.37 13.26
CA THR A 236 -7.88 -13.51 12.44
C THR A 236 -6.63 -13.09 13.17
N SER A 237 -5.65 -13.99 13.30
CA SER A 237 -4.49 -13.74 14.13
C SER A 237 -3.37 -13.15 13.30
N TYR A 238 -2.85 -11.97 13.70
CA TYR A 238 -1.66 -11.43 13.07
C TYR A 238 -0.44 -11.47 13.99
N LYS A 239 0.75 -11.58 13.41
CA LYS A 239 1.93 -11.31 14.21
C LYS A 239 2.42 -9.92 13.89
N TYR A 240 3.31 -9.38 14.69
CA TYR A 240 3.84 -8.07 14.42
C TYR A 240 5.28 -7.92 14.88
N GLY A 241 6.04 -7.01 14.27
CA GLY A 241 7.42 -6.82 14.66
C GLY A 241 8.19 -6.16 13.53
N SER A 242 9.51 -5.98 13.65
CA SER A 242 10.21 -5.35 12.56
C SER A 242 10.29 -6.28 11.34
N ILE A 243 10.38 -5.78 10.12
CA ILE A 243 10.56 -6.62 8.96
C ILE A 243 11.64 -7.70 9.16
N ILE A 244 12.85 -7.33 9.59
CA ILE A 244 13.93 -8.29 9.43
C ILE A 244 13.75 -9.44 10.40
N THR A 245 13.03 -9.12 11.46
CA THR A 245 12.82 -10.01 12.57
C THR A 245 11.61 -10.93 12.33
N THR A 246 10.62 -10.48 11.54
CA THR A 246 9.34 -11.15 11.55
C THR A 246 9.08 -11.78 10.18
N ILE A 247 9.75 -11.38 9.09
CA ILE A 247 9.75 -12.30 7.98
C ILE A 247 11.09 -12.52 7.34
N TYR A 248 11.82 -11.53 6.89
CA TYR A 248 13.18 -11.77 6.50
C TYR A 248 13.85 -10.45 6.19
N GLN A 249 15.14 -10.56 5.97
CA GLN A 249 15.92 -9.42 5.57
C GLN A 249 15.53 -8.94 4.19
N ALA A 250 15.38 -7.63 4.05
CA ALA A 250 14.98 -7.04 2.78
C ALA A 250 15.58 -5.66 2.67
N SER A 251 16.33 -5.31 1.63
CA SER A 251 16.84 -3.96 1.56
C SER A 251 16.15 -3.14 0.49
N GLY A 252 16.13 -1.84 0.65
CA GLY A 252 15.46 -1.06 -0.35
C GLY A 252 13.94 -1.05 -0.21
N GLY A 253 13.37 -1.42 0.95
CA GLY A 253 11.91 -1.40 1.05
C GLY A 253 11.35 -0.02 1.37
N SER A 254 10.10 0.27 0.99
CA SER A 254 9.57 1.62 1.05
C SER A 254 9.43 2.18 2.44
N ILE A 255 9.09 1.28 3.37
CA ILE A 255 8.78 1.73 4.73
C ILE A 255 10.04 2.12 5.51
N ASP A 256 11.16 1.51 5.16
CA ASP A 256 12.47 1.90 5.67
C ASP A 256 12.85 3.27 5.16
N TRP A 257 12.66 3.52 3.86
CA TRP A 257 12.80 4.84 3.28
C TRP A 257 11.88 5.87 3.94
N SER A 258 10.56 5.63 4.05
CA SER A 258 9.72 6.66 4.62
C SER A 258 10.14 6.95 6.04
N TYR A 259 10.46 5.92 6.82
CA TYR A 259 10.83 6.14 8.19
C TYR A 259 12.08 6.98 8.26
N ASN A 260 13.01 6.78 7.33
CA ASN A 260 14.25 7.55 7.31
C ASN A 260 14.08 8.98 6.81
N GLN A 261 13.00 9.24 6.09
CA GLN A 261 12.56 10.59 5.79
C GLN A 261 11.88 11.26 6.99
N GLY A 262 11.77 10.63 8.15
CA GLY A 262 11.11 11.26 9.26
C GLY A 262 9.61 10.97 9.40
N ILE A 263 8.99 10.20 8.51
CA ILE A 263 7.59 9.77 8.70
C ILE A 263 7.57 8.65 9.73
N LYS A 264 7.21 8.94 10.96
CA LYS A 264 7.47 7.99 12.00
C LYS A 264 6.56 6.77 11.92
N TYR A 265 5.30 7.00 11.59
CA TYR A 265 4.32 5.95 11.59
C TYR A 265 4.36 5.22 10.26
N SER A 266 5.38 4.37 10.03
CA SER A 266 5.56 3.71 8.75
C SER A 266 5.33 2.22 8.94
N PHE A 267 4.33 1.62 8.29
CA PHE A 267 3.99 0.24 8.53
C PHE A 267 3.62 -0.42 7.20
N THR A 268 3.93 -1.72 7.14
CA THR A 268 3.41 -2.53 6.06
C THR A 268 2.52 -3.63 6.63
N PHE A 269 1.38 -3.85 5.99
CA PHE A 269 0.53 -4.98 6.37
C PHE A 269 0.73 -6.11 5.40
N GLU A 270 0.83 -7.36 5.89
CA GLU A 270 0.82 -8.56 5.04
C GLU A 270 -0.54 -9.21 5.27
N LEU A 271 -1.45 -9.05 4.32
CA LEU A 271 -2.82 -9.53 4.44
C LEU A 271 -2.99 -11.06 4.40
N ARG A 272 -4.24 -11.51 4.39
CA ARG A 272 -4.62 -12.93 4.54
C ARG A 272 -4.01 -13.73 3.39
N ASP A 273 -3.78 -15.06 3.36
CA ASP A 273 -3.89 -15.97 4.48
C ASP A 273 -2.51 -16.29 5.03
N THR A 274 -2.28 -17.44 5.67
CA THR A 274 -0.93 -17.84 5.98
C THR A 274 -0.43 -19.01 5.14
N GLY A 275 -0.77 -19.12 3.85
CA GLY A 275 -0.17 -20.17 3.06
C GLY A 275 -1.17 -21.05 2.31
N ARG A 276 -2.38 -21.30 2.83
CA ARG A 276 -3.28 -22.26 2.20
C ARG A 276 -3.55 -21.87 0.75
N TYR A 277 -4.00 -20.61 0.52
CA TYR A 277 -4.19 -20.07 -0.81
C TYR A 277 -3.07 -19.14 -1.27
N GLY A 278 -2.36 -18.44 -0.37
CA GLY A 278 -1.26 -17.61 -0.80
C GLY A 278 -1.77 -16.44 -1.60
N PHE A 279 -1.15 -16.18 -2.75
CA PHE A 279 -1.52 -15.05 -3.60
C PHE A 279 -2.84 -15.29 -4.28
N LEU A 280 -3.25 -16.55 -4.29
CA LEU A 280 -4.50 -16.90 -4.94
C LEU A 280 -5.71 -17.03 -4.01
N LEU A 281 -5.90 -16.01 -3.16
CA LEU A 281 -7.01 -15.94 -2.20
C LEU A 281 -8.34 -15.98 -2.89
N PRO A 282 -9.30 -16.78 -2.43
CA PRO A 282 -10.65 -16.79 -2.96
C PRO A 282 -11.27 -15.43 -2.91
N ALA A 283 -12.08 -15.13 -3.91
CA ALA A 283 -12.89 -13.91 -3.96
C ALA A 283 -13.89 -13.74 -2.84
N SER A 284 -14.32 -14.87 -2.27
CA SER A 284 -15.14 -14.90 -1.05
C SER A 284 -14.40 -14.44 0.22
N GLN A 285 -13.06 -14.32 0.23
CA GLN A 285 -12.35 -13.68 1.31
C GLN A 285 -12.06 -12.20 1.10
N ILE A 286 -12.40 -11.57 -0.01
CA ILE A 286 -12.05 -10.16 -0.19
C ILE A 286 -12.65 -9.22 0.85
N ILE A 287 -13.98 -9.18 0.95
CA ILE A 287 -14.63 -8.28 1.89
C ILE A 287 -14.36 -8.66 3.34
N PRO A 288 -14.34 -9.89 3.89
CA PRO A 288 -13.88 -10.17 5.24
C PRO A 288 -12.48 -9.61 5.51
N THR A 289 -11.58 -9.80 4.55
CA THR A 289 -10.22 -9.31 4.67
C THR A 289 -10.23 -7.81 4.72
N ALA A 290 -10.93 -7.16 3.79
CA ALA A 290 -11.00 -5.73 3.78
C ALA A 290 -11.58 -5.14 5.05
N GLN A 291 -12.66 -5.70 5.56
CA GLN A 291 -13.31 -5.22 6.79
C GLN A 291 -12.48 -5.30 8.07
N GLU A 292 -11.78 -6.39 8.35
CA GLU A 292 -10.91 -6.45 9.53
C GLU A 292 -9.63 -5.65 9.28
N THR A 293 -9.02 -5.56 8.10
CA THR A 293 -7.86 -4.69 7.98
C THR A 293 -8.22 -3.20 8.14
N TRP A 294 -9.44 -2.80 7.77
CA TRP A 294 -9.98 -1.48 8.06
C TRP A 294 -9.81 -1.18 9.53
N LEU A 295 -10.24 -2.09 10.41
CA LEU A 295 -10.08 -1.88 11.84
C LEU A 295 -8.65 -1.66 12.29
N GLY A 296 -7.69 -2.41 11.74
CA GLY A 296 -6.30 -2.22 12.09
C GLY A 296 -5.75 -0.91 11.55
N VAL A 297 -6.16 -0.52 10.33
CA VAL A 297 -5.69 0.75 9.76
C VAL A 297 -6.31 1.95 10.48
N LEU A 298 -7.59 1.92 10.82
CA LEU A 298 -8.20 2.98 11.64
C LEU A 298 -7.45 3.18 12.94
N THR A 299 -7.00 2.13 13.61
CA THR A 299 -6.31 2.23 14.90
C THR A 299 -4.99 2.97 14.69
N ILE A 300 -4.27 2.70 13.59
CA ILE A 300 -3.07 3.45 13.32
C ILE A 300 -3.39 4.91 13.03
N MET A 301 -4.37 5.23 12.19
CA MET A 301 -4.66 6.63 11.95
C MET A 301 -5.08 7.39 13.20
N GLU A 302 -5.80 6.73 14.09
CA GLU A 302 -6.23 7.42 15.28
C GLU A 302 -5.05 7.83 16.14
N HIS A 303 -4.05 6.98 16.14
CA HIS A 303 -2.87 7.25 16.90
C HIS A 303 -2.05 8.31 16.21
N THR A 304 -2.05 8.35 14.89
CA THR A 304 -1.38 9.46 14.23
C THR A 304 -2.09 10.80 14.46
N VAL A 305 -3.43 10.85 14.63
CA VAL A 305 -4.16 12.10 14.91
C VAL A 305 -3.72 12.64 16.26
N ASN A 306 -3.74 11.73 17.25
CA ASN A 306 -3.54 12.04 18.65
C ASN A 306 -2.10 12.38 19.05
N ASN A 307 -1.17 12.17 18.11
CA ASN A 307 0.23 12.50 18.31
C ASN A 307 0.65 13.33 17.13
#